data_7LZB
#
_entry.id   7LZB
#
_cell.length_a   51.545
_cell.length_b   76.751
_cell.length_c   77.775
_cell.angle_alpha   90.000
_cell.angle_beta   90.000
_cell.angle_gamma   90.000
#
_symmetry.space_group_name_H-M   'P 21 21 21'
#
loop_
_entity.id
_entity.type
_entity.pdbx_description
1 polymer 'Histone-lysine N-methyltransferase SETD2'
2 non-polymer 'ZINC ION'
3 non-polymer S-ADENOSYLMETHIONINE
4 non-polymer N-[(1r,4r)-4-(beta-alanylamino)cyclohexyl]-7-methyl-1H-indole-2-carboxamide
5 non-polymer BETA-MERCAPTOETHANOL
6 water water
#
_entity_poly.entity_id   1
_entity_poly.type   'polypeptide(L)'
_entity_poly.pdbx_seq_one_letter_code
;GETSVPPGSALVGPSCVMDDFRDPQRWKECAKQGKMPCYFDLIEENVYLTERKKNKSHRDIKRMQCECTPLSKDERAQGE
IACGEDCLNRLLMIECSSRCPNGDYCSNRRFQRKQHADVEVILTEKKGWGLRAAKDLPSNTFVLEYCGEVLDHKEFKARV
KEYARNKNIHYYFMALKNDEIIDATQKGNCSRFMNHSCEPNCETQKWTVNGQLRVGFFTTKLVPSGSELTFDYQFQRYGK
EAQKCFCGSANCRGYLGGENRVSIRAAGGKMKKERSRK
;
_entity_poly.pdbx_strand_id   A
#
# COMPACT_ATOMS: atom_id res chain seq x y z
N GLY A 13 -8.89 21.01 1.27
CA GLY A 13 -7.44 21.35 1.23
C GLY A 13 -6.77 21.24 -0.14
N PRO A 14 -5.43 21.40 -0.17
CA PRO A 14 -4.65 21.09 -1.38
C PRO A 14 -4.57 19.59 -1.63
N SER A 15 -4.44 19.23 -2.90
CA SER A 15 -4.30 17.85 -3.33
C SER A 15 -3.21 17.79 -4.39
N CYS A 16 -2.83 16.58 -4.75
CA CYS A 16 -1.75 16.37 -5.69
C CYS A 16 -1.79 14.94 -6.22
N VAL A 17 -1.05 14.71 -7.31
CA VAL A 17 -1.12 13.48 -8.08
C VAL A 17 0.18 12.74 -7.94
N MET A 18 0.12 11.44 -8.20
CA MET A 18 1.28 10.59 -7.95
C MET A 18 2.49 10.98 -8.77
N ASP A 19 2.26 11.47 -9.99
CA ASP A 19 3.35 12.01 -10.78
C ASP A 19 4.08 13.21 -10.15
N ASP A 20 3.42 13.99 -9.30
CA ASP A 20 4.09 15.14 -8.65
C ASP A 20 5.31 14.75 -7.82
N PHE A 21 5.33 13.49 -7.39
CA PHE A 21 6.42 12.95 -6.59
C PHE A 21 7.66 12.51 -7.38
N ARG A 22 7.59 12.62 -8.69
CA ARG A 22 8.69 12.22 -9.57
C ARG A 22 9.69 13.37 -9.82
N ASP A 23 9.26 14.63 -9.59
CA ASP A 23 10.14 15.82 -9.72
C ASP A 23 10.64 16.28 -8.33
N PRO A 24 11.83 15.80 -7.89
CA PRO A 24 12.23 16.05 -6.50
C PRO A 24 12.30 17.50 -6.07
N GLN A 25 12.99 18.35 -6.84
CA GLN A 25 13.16 19.76 -6.45
C GLN A 25 11.85 20.58 -6.48
N ARG A 26 11.00 20.33 -7.48
CA ARG A 26 9.62 20.91 -7.52
C ARG A 26 8.74 20.46 -6.34
N TRP A 27 8.82 19.18 -6.02
CA TRP A 27 8.14 18.61 -4.86
C TRP A 27 8.54 19.39 -3.63
N LYS A 28 9.85 19.45 -3.37
CA LYS A 28 10.41 20.19 -2.23
C LYS A 28 9.91 21.62 -2.20
N GLU A 29 9.81 22.22 -3.38
CA GLU A 29 9.18 23.53 -3.56
C GLU A 29 7.71 23.54 -3.13
N CYS A 30 6.92 22.61 -3.66
CA CYS A 30 5.52 22.48 -3.25
C CYS A 30 5.36 22.18 -1.75
N ALA A 31 6.34 21.46 -1.20
CA ALA A 31 6.42 21.20 0.23
C ALA A 31 6.67 22.46 1.04
N LYS A 32 7.54 23.36 0.56
CA LYS A 32 7.76 24.67 1.21
C LYS A 32 6.49 25.50 1.30
N GLN A 33 5.61 25.41 0.29
CA GLN A 33 4.31 26.11 0.30
C GLN A 33 3.17 25.32 0.96
N GLY A 34 3.48 24.11 1.43
CA GLY A 34 2.47 23.21 2.00
C GLY A 34 1.43 22.74 1.01
N LYS A 35 1.82 22.57 -0.26
CA LYS A 35 0.93 22.05 -1.30
C LYS A 35 1.21 20.58 -1.58
N MET A 36 2.28 20.04 -0.96
CA MET A 36 2.60 18.60 -1.01
C MET A 36 3.14 18.14 0.34
N PRO A 37 3.08 16.82 0.62
CA PRO A 37 3.65 16.28 1.85
C PRO A 37 5.10 16.55 1.88
N CYS A 38 5.70 16.44 3.06
CA CYS A 38 7.14 16.57 3.23
C CYS A 38 7.84 15.52 2.40
N TYR A 39 9.13 15.73 2.20
CA TYR A 39 9.93 14.89 1.35
C TYR A 39 10.18 13.56 2.02
N PHE A 40 10.22 12.51 1.19
CA PHE A 40 10.77 11.19 1.56
C PHE A 40 11.42 10.65 0.28
N ASP A 41 12.23 9.59 0.40
CA ASP A 41 12.85 8.95 -0.76
C ASP A 41 11.88 7.97 -1.39
N LEU A 42 11.50 8.25 -2.63
CA LEU A 42 10.56 7.43 -3.40
C LEU A 42 11.27 6.19 -3.90
N ILE A 43 10.70 5.02 -3.62
CA ILE A 43 11.25 3.75 -4.09
C ILE A 43 10.12 2.93 -4.65
N GLU A 44 10.44 2.02 -5.56
CA GLU A 44 9.43 1.20 -6.22
C GLU A 44 9.46 -0.26 -5.84
N GLU A 45 10.36 -0.62 -4.92
CA GLU A 45 10.47 -1.96 -4.40
C GLU A 45 11.03 -1.88 -2.99
N ASN A 46 10.65 -2.82 -2.14
CA ASN A 46 11.19 -2.86 -0.79
C ASN A 46 12.72 -2.98 -0.83
N VAL A 47 13.37 -2.42 0.18
CA VAL A 47 14.81 -2.42 0.34
C VAL A 47 15.06 -3.08 1.68
N TYR A 48 16.05 -3.96 1.75
CA TYR A 48 16.34 -4.68 2.99
C TYR A 48 17.62 -4.14 3.64
N LEU A 49 17.55 -3.87 4.94
CA LEU A 49 18.77 -3.64 5.73
C LEU A 49 19.52 -4.96 5.90
N THR A 50 18.77 -5.98 6.31
CA THR A 50 19.25 -7.38 6.33
C THR A 50 19.21 -8.07 4.94
N GLU A 51 20.38 -8.42 4.39
CA GLU A 51 20.44 -9.07 3.07
C GLU A 51 19.76 -10.46 3.05
N ARG A 52 18.69 -10.58 2.27
CA ARG A 52 18.05 -11.88 2.03
C ARG A 52 18.92 -12.73 1.11
N MET A 64 7.54 -22.82 -9.73
CA MET A 64 6.44 -23.46 -10.45
C MET A 64 5.51 -22.43 -11.09
N GLN A 65 5.01 -22.75 -12.29
CA GLN A 65 3.98 -21.96 -12.97
C GLN A 65 2.59 -22.47 -12.54
N CYS A 66 1.55 -21.71 -12.89
CA CYS A 66 0.17 -22.11 -12.64
C CYS A 66 -0.28 -23.12 -13.70
N GLU A 67 -1.58 -23.40 -13.76
CA GLU A 67 -2.12 -24.39 -14.71
C GLU A 67 -3.28 -23.85 -15.55
N CYS A 68 -3.43 -22.53 -15.64
CA CYS A 68 -4.44 -21.95 -16.51
C CYS A 68 -4.09 -22.34 -17.95
N THR A 69 -5.10 -22.63 -18.77
CA THR A 69 -4.88 -22.94 -20.19
C THR A 69 -4.76 -21.63 -20.95
N PRO A 70 -3.73 -21.50 -21.82
CA PRO A 70 -3.56 -20.30 -22.62
C PRO A 70 -4.86 -19.86 -23.29
N LEU A 71 -5.17 -18.57 -23.23
CA LEU A 71 -6.29 -18.03 -23.95
C LEU A 71 -5.93 -17.83 -25.41
N SER A 72 -6.90 -18.09 -26.29
CA SER A 72 -6.76 -17.80 -27.71
C SER A 72 -6.74 -16.29 -27.90
N LYS A 73 -6.04 -15.84 -28.95
CA LYS A 73 -6.05 -14.42 -29.38
C LYS A 73 -7.47 -13.89 -29.60
N ASP A 74 -8.39 -14.80 -29.96
CA ASP A 74 -9.81 -14.50 -30.10
C ASP A 74 -10.45 -14.21 -28.73
N GLU A 75 -10.18 -15.08 -27.75
CA GLU A 75 -10.68 -14.90 -26.38
C GLU A 75 -10.16 -13.63 -25.72
N ARG A 76 -8.86 -13.33 -25.92
CA ARG A 76 -8.25 -12.03 -25.53
C ARG A 76 -9.02 -10.82 -26.09
N ALA A 77 -9.34 -10.89 -27.39
CA ALA A 77 -10.11 -9.83 -28.06
C ALA A 77 -11.56 -9.70 -27.53
N GLN A 78 -12.18 -10.83 -27.19
CA GLN A 78 -13.55 -10.82 -26.62
C GLN A 78 -13.68 -10.07 -25.28
N GLY A 79 -12.58 -9.89 -24.56
CA GLY A 79 -12.56 -9.24 -23.24
C GLY A 79 -12.37 -10.20 -22.08
N GLU A 80 -12.05 -11.46 -22.37
CA GLU A 80 -11.98 -12.53 -21.36
C GLU A 80 -10.69 -12.43 -20.52
N ILE A 81 -10.72 -13.01 -19.33
CA ILE A 81 -9.67 -12.78 -18.33
C ILE A 81 -8.68 -13.92 -18.27
N ALA A 82 -7.38 -13.57 -18.32
CA ALA A 82 -6.27 -14.52 -18.26
C ALA A 82 -5.78 -14.57 -16.83
N CYS A 83 -5.59 -15.78 -16.31
CA CYS A 83 -5.35 -16.01 -14.90
C CYS A 83 -6.29 -15.21 -13.99
N GLY A 84 -7.60 -15.35 -14.20
CA GLY A 84 -8.62 -14.76 -13.32
C GLY A 84 -8.84 -15.61 -12.07
N GLU A 85 -10.09 -15.71 -11.63
CA GLU A 85 -10.38 -16.17 -10.27
C GLU A 85 -10.06 -17.63 -9.95
N ASP A 86 -9.92 -18.48 -10.96
CA ASP A 86 -9.60 -19.91 -10.75
C ASP A 86 -8.10 -20.23 -10.84
N CYS A 87 -7.28 -19.24 -11.15
CA CYS A 87 -5.85 -19.42 -11.30
C CYS A 87 -5.23 -19.90 -10.00
N LEU A 88 -4.40 -20.93 -10.07
CA LEU A 88 -3.90 -21.55 -8.84
C LEU A 88 -2.87 -20.67 -8.13
N ASN A 89 -2.07 -19.93 -8.89
CA ASN A 89 -1.19 -18.92 -8.31
C ASN A 89 -2.03 -17.86 -7.58
N ARG A 90 -3.11 -17.40 -8.22
CA ARG A 90 -3.93 -16.32 -7.65
C ARG A 90 -4.65 -16.74 -6.37
N LEU A 91 -5.22 -17.93 -6.39
CA LEU A 91 -5.90 -18.50 -5.23
C LEU A 91 -5.02 -18.63 -4.00
N LEU A 92 -3.73 -18.83 -4.17
CA LEU A 92 -2.77 -18.79 -3.05
C LEU A 92 -2.07 -17.43 -2.91
N MET A 93 -2.65 -16.38 -3.50
CA MET A 93 -2.08 -15.04 -3.49
C MET A 93 -0.58 -15.11 -3.82
N ILE A 94 -0.30 -15.70 -4.97
CA ILE A 94 1.02 -15.76 -5.57
C ILE A 94 0.83 -15.13 -6.93
N GLU A 95 1.72 -14.20 -7.30
CA GLU A 95 1.65 -13.60 -8.64
C GLU A 95 2.43 -14.48 -9.60
N CYS A 96 1.99 -14.52 -10.84
CA CYS A 96 2.73 -15.22 -11.88
C CYS A 96 4.02 -14.51 -12.27
N SER A 97 4.88 -15.25 -12.96
CA SER A 97 6.08 -14.69 -13.52
C SER A 97 5.91 -14.52 -15.04
N SER A 98 7.01 -14.14 -15.69
CA SER A 98 7.10 -14.02 -17.16
C SER A 98 6.79 -15.31 -17.90
N ARG A 99 7.06 -16.47 -17.29
CA ARG A 99 6.84 -17.78 -17.90
C ARG A 99 5.42 -18.34 -17.72
N CYS A 100 4.49 -17.51 -17.25
CA CYS A 100 3.08 -17.89 -17.16
C CYS A 100 2.56 -18.36 -18.51
N PRO A 101 1.71 -19.37 -18.55
CA PRO A 101 1.05 -19.85 -19.80
C PRO A 101 0.40 -18.78 -20.67
N ASN A 102 -0.34 -17.88 -20.05
CA ASN A 102 -0.87 -16.67 -20.70
C ASN A 102 0.10 -15.50 -20.98
N GLY A 103 1.40 -15.66 -20.69
CA GLY A 103 2.43 -14.65 -21.00
C GLY A 103 2.02 -13.21 -20.71
N ASP A 104 2.01 -12.39 -21.76
CA ASP A 104 1.66 -10.96 -21.67
C ASP A 104 0.23 -10.72 -21.17
N TYR A 105 -0.69 -11.64 -21.47
CA TYR A 105 -2.12 -11.49 -21.10
C TYR A 105 -2.46 -11.68 -19.60
N CYS A 106 -1.54 -12.29 -18.83
CA CYS A 106 -1.73 -12.58 -17.40
C CYS A 106 -2.19 -11.35 -16.61
N SER A 107 -3.38 -11.44 -16.00
CA SER A 107 -3.89 -10.40 -15.11
C SER A 107 -3.38 -10.51 -13.66
N ASN A 108 -2.60 -11.54 -13.36
CA ASN A 108 -2.05 -11.79 -12.04
C ASN A 108 -0.58 -11.37 -11.88
N ARG A 109 -0.18 -10.21 -12.40
CA ARG A 109 1.18 -9.70 -12.15
C ARG A 109 1.12 -8.24 -11.73
N ARG A 110 0.09 -7.90 -10.94
CA ARG A 110 -0.26 -6.50 -10.66
C ARG A 110 0.81 -5.71 -9.91
N PHE A 111 1.40 -6.34 -8.90
CA PHE A 111 2.48 -5.71 -8.15
C PHE A 111 3.63 -5.42 -9.07
N GLN A 112 3.98 -6.41 -9.88
CA GLN A 112 5.20 -6.33 -10.68
C GLN A 112 5.03 -5.30 -11.79
N ARG A 113 3.86 -5.28 -12.41
CA ARG A 113 3.53 -4.30 -13.44
C ARG A 113 3.06 -2.95 -12.90
N LYS A 114 2.96 -2.83 -11.58
CA LYS A 114 2.57 -1.58 -10.97
C LYS A 114 1.25 -1.08 -11.55
N GLN A 115 0.26 -1.97 -11.56
CA GLN A 115 -1.09 -1.65 -12.05
C GLN A 115 -1.89 -1.08 -10.91
N HIS A 116 -1.50 0.12 -10.50
N HIS A 116 -1.51 0.13 -10.53
CA HIS A 116 -2.09 0.77 -9.34
CA HIS A 116 -2.04 0.82 -9.38
C HIS A 116 -3.35 1.53 -9.73
C HIS A 116 -3.37 1.50 -9.75
N ALA A 117 -4.23 1.70 -8.75
CA ALA A 117 -5.46 2.46 -8.93
C ALA A 117 -5.13 3.95 -9.08
N ASP A 118 -6.10 4.72 -9.59
CA ASP A 118 -5.93 6.17 -9.73
C ASP A 118 -6.34 6.82 -8.39
N VAL A 119 -5.35 7.34 -7.68
CA VAL A 119 -5.55 7.96 -6.39
C VAL A 119 -4.72 9.19 -6.27
N GLU A 120 -5.18 10.10 -5.42
CA GLU A 120 -4.51 11.36 -5.16
C GLU A 120 -4.18 11.47 -3.68
N VAL A 121 -3.18 12.28 -3.41
CA VAL A 121 -2.76 12.61 -2.05
C VAL A 121 -3.36 13.97 -1.71
N ILE A 122 -4.10 14.00 -0.59
CA ILE A 122 -4.84 15.19 -0.11
C ILE A 122 -4.51 15.52 1.35
N LEU A 123 -4.69 16.78 1.74
CA LEU A 123 -4.56 17.17 3.15
C LEU A 123 -5.86 16.99 3.93
N THR A 124 -5.84 16.21 5.01
CA THR A 124 -7.03 16.01 5.86
C THR A 124 -7.13 17.09 6.95
N GLU A 125 -8.23 17.09 7.68
CA GLU A 125 -8.43 18.02 8.81
C GLU A 125 -7.42 17.81 9.92
N LYS A 126 -7.31 16.57 10.40
CA LYS A 126 -6.54 16.28 11.61
C LYS A 126 -5.53 15.14 11.53
N LYS A 127 -5.49 14.40 10.41
CA LYS A 127 -4.70 13.17 10.30
C LYS A 127 -3.40 13.37 9.55
N GLY A 128 -3.18 14.58 9.05
CA GLY A 128 -2.12 14.83 8.06
C GLY A 128 -2.61 14.55 6.65
N TRP A 129 -1.72 14.05 5.81
CA TRP A 129 -2.09 13.75 4.43
C TRP A 129 -2.78 12.38 4.33
N GLY A 130 -3.45 12.16 3.20
CA GLY A 130 -4.32 11.02 3.01
C GLY A 130 -4.37 10.63 1.55
N LEU A 131 -5.04 9.52 1.28
CA LEU A 131 -5.29 9.08 -0.07
C LEU A 131 -6.78 9.11 -0.38
N ARG A 132 -7.15 9.61 -1.55
CA ARG A 132 -8.53 9.46 -2.04
C ARG A 132 -8.56 8.95 -3.47
N ALA A 133 -9.67 8.32 -3.80
CA ALA A 133 -9.92 7.79 -5.14
C ALA A 133 -10.14 8.96 -6.08
N ALA A 134 -9.46 8.93 -7.23
CA ALA A 134 -9.69 9.87 -8.32
C ALA A 134 -10.88 9.44 -9.17
N LYS A 135 -11.02 8.13 -9.39
CA LYS A 135 -12.17 7.55 -10.10
C LYS A 135 -12.92 6.61 -9.15
N ASP A 136 -14.09 6.15 -9.57
CA ASP A 136 -14.72 5.02 -8.90
C ASP A 136 -13.74 3.83 -8.96
N LEU A 137 -13.81 2.97 -7.94
CA LEU A 137 -12.96 1.78 -7.86
C LEU A 137 -13.80 0.59 -7.40
N PRO A 138 -13.82 -0.51 -8.18
CA PRO A 138 -14.58 -1.70 -7.76
C PRO A 138 -14.09 -2.33 -6.48
N SER A 139 -14.86 -3.30 -6.01
CA SER A 139 -14.45 -4.12 -4.87
C SER A 139 -13.30 -5.04 -5.29
N ASN A 140 -12.48 -5.41 -4.30
CA ASN A 140 -11.24 -6.17 -4.48
C ASN A 140 -10.38 -5.70 -5.67
N THR A 141 -10.21 -4.38 -5.76
CA THR A 141 -9.34 -3.73 -6.73
C THR A 141 -8.02 -3.37 -6.03
N PHE A 142 -6.91 -3.62 -6.73
CA PHE A 142 -5.58 -3.31 -6.21
C PHE A 142 -5.34 -1.80 -6.20
N VAL A 143 -4.92 -1.28 -5.04
CA VAL A 143 -4.70 0.15 -4.86
C VAL A 143 -3.21 0.45 -5.06
N LEU A 144 -2.39 0.05 -4.09
CA LEU A 144 -0.93 0.26 -4.14
C LEU A 144 -0.16 -0.77 -3.32
N GLU A 145 1.08 -1.05 -3.68
CA GLU A 145 1.98 -1.72 -2.76
C GLU A 145 2.49 -0.79 -1.67
N TYR A 146 2.50 -1.31 -0.44
CA TYR A 146 3.14 -0.65 0.67
C TYR A 146 4.62 -0.99 0.62
N CYS A 147 5.41 -0.08 0.07
CA CYS A 147 6.83 -0.28 -0.05
C CYS A 147 7.57 0.41 1.09
N GLY A 148 8.76 -0.08 1.41
CA GLY A 148 9.60 0.54 2.44
C GLY A 148 10.90 -0.21 2.72
N GLU A 149 11.56 0.18 3.80
CA GLU A 149 12.72 -0.54 4.31
C GLU A 149 12.21 -1.70 5.15
N VAL A 150 12.62 -2.91 4.85
CA VAL A 150 12.28 -4.08 5.69
C VAL A 150 13.30 -4.23 6.82
N LEU A 151 12.78 -4.44 8.03
CA LEU A 151 13.55 -4.46 9.27
C LEU A 151 13.39 -5.80 9.95
N ASP A 152 14.43 -6.27 10.63
CA ASP A 152 14.28 -7.37 11.63
C ASP A 152 13.85 -6.76 12.97
N HIS A 153 13.49 -7.61 13.93
N HIS A 153 13.45 -7.57 13.95
CA HIS A 153 12.99 -7.17 15.24
CA HIS A 153 12.92 -7.00 15.19
C HIS A 153 13.87 -6.12 15.93
C HIS A 153 13.88 -6.06 15.93
N LYS A 154 15.19 -6.28 15.78
CA LYS A 154 16.18 -5.39 16.42
C LYS A 154 16.20 -4.00 15.84
N GLU A 155 16.34 -3.93 14.51
CA GLU A 155 16.21 -2.66 13.74
C GLU A 155 14.89 -1.96 14.03
N PHE A 156 13.81 -2.71 14.06
CA PHE A 156 12.49 -2.15 14.38
C PHE A 156 12.48 -1.42 15.73
N LYS A 157 13.03 -2.07 16.75
CA LYS A 157 13.07 -1.49 18.08
C LYS A 157 14.02 -0.32 18.16
N ALA A 158 15.14 -0.39 17.46
CA ALA A 158 16.02 0.77 17.36
C ALA A 158 15.23 1.97 16.85
N ARG A 159 14.50 1.78 15.76
CA ARG A 159 13.76 2.86 15.11
C ARG A 159 12.57 3.36 15.93
N VAL A 160 11.84 2.45 16.57
CA VAL A 160 10.78 2.92 17.47
C VAL A 160 11.34 3.96 18.43
N LYS A 161 12.46 3.66 19.08
CA LYS A 161 13.04 4.56 20.10
C LYS A 161 13.62 5.83 19.49
N GLU A 162 14.38 5.69 18.41
CA GLU A 162 14.88 6.85 17.64
C GLU A 162 13.74 7.77 17.25
N TYR A 163 12.64 7.20 16.75
CA TYR A 163 11.48 8.01 16.36
C TYR A 163 10.79 8.68 17.54
N ALA A 164 10.65 7.96 18.64
CA ALA A 164 10.13 8.54 19.89
C ALA A 164 10.98 9.71 20.39
N ARG A 165 12.30 9.57 20.29
CA ARG A 165 13.24 10.58 20.75
C ARG A 165 13.34 11.78 19.81
N ASN A 166 13.00 11.60 18.53
CA ASN A 166 12.83 12.75 17.59
C ASN A 166 11.44 13.36 17.66
N LYS A 167 10.58 12.85 18.55
CA LYS A 167 9.21 13.30 18.70
C LYS A 167 8.41 13.23 17.41
N ASN A 168 8.62 12.21 16.59
CA ASN A 168 7.83 12.05 15.37
C ASN A 168 6.37 11.95 15.75
N ILE A 169 5.51 12.44 14.85
CA ILE A 169 4.06 12.38 15.01
C ILE A 169 3.47 11.25 14.20
N HIS A 170 3.88 11.14 12.94
CA HIS A 170 3.41 10.08 12.08
C HIS A 170 4.35 8.91 12.12
N TYR A 171 3.76 7.73 12.15
CA TYR A 171 4.49 6.46 12.11
C TYR A 171 4.09 5.62 10.88
N TYR A 172 5.05 4.86 10.37
CA TYR A 172 4.95 4.21 9.07
C TYR A 172 5.33 2.71 9.12
N PHE A 173 5.08 2.06 10.24
CA PHE A 173 5.41 0.65 10.39
C PHE A 173 4.25 -0.20 9.93
N MET A 174 4.59 -1.29 9.25
CA MET A 174 3.62 -2.29 8.77
C MET A 174 4.22 -3.67 8.95
N ALA A 175 3.53 -4.55 9.67
CA ALA A 175 4.00 -5.94 9.85
C ALA A 175 3.89 -6.71 8.53
N LEU A 176 5.01 -7.30 8.10
CA LEU A 176 5.06 -8.07 6.87
C LEU A 176 5.04 -9.55 7.21
N LYS A 177 6.02 -9.98 7.98
CA LYS A 177 5.98 -11.30 8.56
C LYS A 177 6.90 -11.36 9.76
N ASN A 178 6.83 -12.48 10.46
CA ASN A 178 7.69 -12.75 11.60
C ASN A 178 9.14 -12.27 11.35
N ASP A 179 9.61 -11.38 12.21
CA ASP A 179 10.89 -10.67 12.05
C ASP A 179 11.08 -9.92 10.71
N GLU A 180 9.98 -9.40 10.17
CA GLU A 180 10.00 -8.50 9.03
C GLU A 180 8.90 -7.44 9.14
N ILE A 181 9.34 -6.19 9.32
CA ILE A 181 8.45 -5.06 9.43
C ILE A 181 8.94 -3.99 8.46
N ILE A 182 8.01 -3.51 7.64
CA ILE A 182 8.27 -2.46 6.67
C ILE A 182 8.14 -1.13 7.37
N ASP A 183 9.14 -0.28 7.22
CA ASP A 183 9.16 1.08 7.74
C ASP A 183 9.24 2.00 6.52
N ALA A 184 8.17 2.74 6.28
CA ALA A 184 8.11 3.66 5.16
C ALA A 184 8.27 5.12 5.62
N THR A 185 8.94 5.32 6.75
CA THR A 185 9.14 6.66 7.30
C THR A 185 10.07 7.48 6.42
N GLN A 186 11.20 6.89 6.00
CA GLN A 186 12.22 7.59 5.22
C GLN A 186 12.14 7.25 3.75
N LYS A 187 11.96 5.97 3.43
CA LYS A 187 11.87 5.49 2.06
C LYS A 187 10.54 4.79 1.83
N GLY A 188 9.85 5.11 0.75
CA GLY A 188 8.57 4.44 0.45
C GLY A 188 7.89 4.98 -0.78
N ASN A 189 6.58 4.81 -0.87
CA ASN A 189 5.79 5.37 -1.97
C ASN A 189 4.49 5.94 -1.46
N CYS A 190 3.57 6.31 -2.35
CA CYS A 190 2.37 6.98 -1.88
C CYS A 190 1.42 6.12 -1.05
N SER A 191 1.62 4.79 -1.04
CA SER A 191 0.91 3.94 -0.07
C SER A 191 1.01 4.45 1.37
N ARG A 192 2.15 5.05 1.72
CA ARG A 192 2.37 5.55 3.07
C ARG A 192 1.40 6.64 3.50
N PHE A 193 0.62 7.23 2.60
CA PHE A 193 -0.39 8.19 3.04
C PHE A 193 -1.74 7.61 3.38
N MET A 194 -1.99 6.32 3.18
CA MET A 194 -3.30 5.76 3.59
C MET A 194 -3.47 5.77 5.11
N ASN A 195 -4.54 6.41 5.55
CA ASN A 195 -4.81 6.58 6.95
C ASN A 195 -5.61 5.41 7.51
N HIS A 196 -5.64 5.31 8.83
CA HIS A 196 -6.49 4.37 9.52
C HIS A 196 -7.99 4.76 9.52
N SER A 197 -8.85 3.73 9.56
CA SER A 197 -10.27 3.91 9.87
C SER A 197 -10.88 2.68 10.52
N CYS A 198 -11.58 2.91 11.62
CA CYS A 198 -12.32 1.87 12.32
C CYS A 198 -13.43 1.25 11.47
N GLU A 199 -13.84 1.93 10.39
CA GLU A 199 -14.80 1.37 9.45
C GLU A 199 -14.27 1.63 8.03
N PRO A 200 -13.32 0.79 7.58
CA PRO A 200 -12.52 1.14 6.42
C PRO A 200 -13.09 0.65 5.11
N ASN A 201 -12.48 1.09 4.02
CA ASN A 201 -12.88 0.69 2.67
C ASN A 201 -11.75 -0.05 1.92
N CYS A 202 -10.64 -0.33 2.60
CA CYS A 202 -9.58 -1.18 2.04
C CYS A 202 -9.05 -2.09 3.12
N GLU A 203 -8.25 -3.06 2.69
CA GLU A 203 -7.56 -4.00 3.57
C GLU A 203 -6.20 -4.25 2.99
N THR A 204 -5.32 -4.78 3.83
CA THR A 204 -4.04 -5.29 3.37
C THR A 204 -4.17 -6.71 2.86
N GLN A 205 -3.35 -7.05 1.86
CA GLN A 205 -3.14 -8.42 1.45
C GLN A 205 -1.67 -8.69 1.24
N LYS A 206 -1.24 -9.86 1.68
CA LYS A 206 0.14 -10.29 1.49
C LYS A 206 0.27 -11.23 0.28
N TRP A 207 1.15 -10.85 -0.65
CA TRP A 207 1.33 -11.59 -1.89
C TRP A 207 2.75 -12.01 -2.06
N THR A 208 2.92 -13.19 -2.65
CA THR A 208 4.24 -13.74 -2.90
C THR A 208 4.65 -13.39 -4.33
N VAL A 209 5.76 -12.69 -4.47
CA VAL A 209 6.30 -12.31 -5.79
C VAL A 209 7.73 -12.78 -5.84
N ASN A 210 8.04 -13.67 -6.78
CA ASN A 210 9.35 -14.29 -6.88
C ASN A 210 9.81 -14.83 -5.52
N GLY A 211 8.96 -15.59 -4.87
CA GLY A 211 9.31 -16.25 -3.61
C GLY A 211 9.54 -15.32 -2.44
N GLN A 212 9.06 -14.09 -2.56
CA GLN A 212 9.30 -13.07 -1.58
C GLN A 212 7.96 -12.39 -1.32
N LEU A 213 7.66 -12.15 -0.05
CA LEU A 213 6.36 -11.68 0.37
C LEU A 213 6.27 -10.15 0.29
N ARG A 214 5.10 -9.66 -0.14
CA ARG A 214 4.87 -8.22 -0.25
C ARG A 214 3.50 -7.87 0.28
N VAL A 215 3.28 -6.60 0.60
CA VAL A 215 1.97 -6.14 1.07
C VAL A 215 1.45 -5.02 0.18
N GLY A 216 0.16 -5.13 -0.12
CA GLY A 216 -0.54 -4.16 -0.93
C GLY A 216 -1.86 -3.88 -0.28
N PHE A 217 -2.45 -2.76 -0.67
CA PHE A 217 -3.77 -2.38 -0.23
C PHE A 217 -4.74 -2.75 -1.33
N PHE A 218 -5.90 -3.25 -0.93
CA PHE A 218 -6.97 -3.61 -1.86
C PHE A 218 -8.30 -3.11 -1.32
N THR A 219 -9.16 -2.61 -2.21
CA THR A 219 -10.50 -2.22 -1.81
C THR A 219 -11.27 -3.44 -1.28
N THR A 220 -12.05 -3.25 -0.23
CA THR A 220 -13.01 -4.24 0.25
C THR A 220 -14.43 -3.94 -0.24
N LYS A 221 -14.67 -2.77 -0.80
CA LYS A 221 -16.00 -2.39 -1.31
C LYS A 221 -15.83 -1.38 -2.42
N LEU A 222 -16.94 -0.93 -3.01
CA LEU A 222 -16.86 0.09 -4.05
C LEU A 222 -16.56 1.42 -3.41
N VAL A 223 -15.65 2.16 -4.03
CA VAL A 223 -15.16 3.42 -3.47
C VAL A 223 -15.38 4.56 -4.50
N PRO A 224 -16.46 5.33 -4.32
CA PRO A 224 -16.75 6.44 -5.24
C PRO A 224 -15.62 7.43 -5.36
N SER A 225 -15.51 8.05 -6.53
CA SER A 225 -14.55 9.11 -6.77
C SER A 225 -14.61 10.14 -5.65
N GLY A 226 -13.46 10.64 -5.25
CA GLY A 226 -13.37 11.64 -4.19
C GLY A 226 -13.22 11.12 -2.76
N SER A 227 -13.69 9.90 -2.48
CA SER A 227 -13.66 9.38 -1.12
C SER A 227 -12.26 9.01 -0.63
N GLU A 228 -11.99 9.25 0.65
CA GLU A 228 -10.72 8.87 1.25
C GLU A 228 -10.63 7.35 1.32
N LEU A 229 -9.45 6.82 1.04
CA LEU A 229 -9.20 5.39 1.17
C LEU A 229 -8.58 5.18 2.53
N THR A 230 -9.08 4.17 3.23
CA THR A 230 -8.70 3.86 4.59
C THR A 230 -8.62 2.35 4.79
N PHE A 231 -7.79 1.93 5.74
CA PHE A 231 -7.77 0.53 6.18
C PHE A 231 -7.78 0.44 7.69
N ASP A 232 -8.08 -0.75 8.21
CA ASP A 232 -8.06 -1.04 9.64
C ASP A 232 -6.68 -1.53 10.05
N TYR A 233 -5.79 -0.59 10.34
CA TYR A 233 -4.48 -0.85 10.95
C TYR A 233 -4.58 -1.59 12.30
N GLN A 234 -4.02 -2.80 12.36
CA GLN A 234 -4.13 -3.60 13.57
C GLN A 234 -2.81 -4.01 14.24
N PHE A 235 -1.71 -3.42 13.79
CA PHE A 235 -0.39 -3.58 14.44
C PHE A 235 -0.50 -3.58 15.97
N GLN A 236 0.07 -4.60 16.60
CA GLN A 236 -0.10 -4.82 18.03
C GLN A 236 0.36 -3.60 18.85
N ARG A 237 -0.60 -3.01 19.54
CA ARG A 237 -0.42 -1.88 20.44
C ARG A 237 0.47 -2.32 21.63
N TYR A 238 1.40 -1.46 22.04
CA TYR A 238 2.32 -1.79 23.15
C TYR A 238 1.75 -1.28 24.48
N GLY A 239 1.91 0.02 24.75
CA GLY A 239 1.38 0.62 25.97
C GLY A 239 -0.12 0.74 25.99
N LYS A 240 -0.64 1.18 27.13
CA LYS A 240 -2.01 1.67 27.23
C LYS A 240 -2.12 2.90 26.32
N GLU A 241 -1.09 3.75 26.39
CA GLU A 241 -0.96 4.97 25.60
C GLU A 241 -0.98 4.71 24.09
N ALA A 242 -1.74 5.53 23.36
CA ALA A 242 -1.88 5.40 21.91
C ALA A 242 -2.28 6.73 21.23
N GLN A 243 -2.17 6.75 19.91
CA GLN A 243 -2.64 7.86 19.09
C GLN A 243 -4.17 7.81 19.00
N LYS A 244 -4.82 8.92 19.31
CA LYS A 244 -6.28 8.98 19.14
C LYS A 244 -6.65 8.87 17.67
N CYS A 245 -7.86 8.41 17.46
CA CYS A 245 -8.35 8.15 16.14
C CYS A 245 -9.35 9.25 15.84
N PHE A 246 -9.17 9.92 14.71
CA PHE A 246 -10.12 10.93 14.24
C PHE A 246 -10.86 10.40 13.01
N CYS A 247 -11.16 9.09 12.96
CA CYS A 247 -11.78 8.52 11.78
C CYS A 247 -13.22 8.94 11.56
N GLY A 248 -13.90 9.35 12.63
CA GLY A 248 -15.25 9.86 12.52
C GLY A 248 -16.35 8.83 12.31
N SER A 249 -16.03 7.54 12.40
CA SER A 249 -17.04 6.49 12.25
C SER A 249 -17.98 6.50 13.43
N ALA A 250 -19.09 5.79 13.28
CA ALA A 250 -19.99 5.49 14.39
C ALA A 250 -19.36 4.52 15.39
N ASN A 251 -18.55 3.58 14.88
CA ASN A 251 -17.97 2.50 15.69
C ASN A 251 -16.53 2.77 16.10
N CYS A 252 -16.11 4.05 16.09
CA CYS A 252 -14.70 4.37 16.30
C CYS A 252 -14.23 3.89 17.67
N ARG A 253 -13.20 3.05 17.64
CA ARG A 253 -12.59 2.49 18.84
C ARG A 253 -11.79 3.49 19.64
N GLY A 254 -11.54 4.67 19.07
CA GLY A 254 -10.96 5.81 19.81
C GLY A 254 -9.47 6.02 19.63
N TYR A 255 -8.76 4.95 19.25
CA TYR A 255 -7.30 4.95 19.16
C TYR A 255 -6.84 4.15 17.93
N LEU A 256 -5.60 4.33 17.51
CA LEU A 256 -5.02 3.51 16.43
C LEU A 256 -4.36 2.29 17.05
N GLY A 257 -4.30 1.19 16.29
CA GLY A 257 -3.74 -0.07 16.76
C GLY A 257 -4.81 -1.12 17.02
N GLY A 258 -4.39 -2.36 17.27
CA GLY A 258 -5.30 -3.48 17.58
C GLY A 258 -5.55 -3.64 19.06
#